data_2FM2
#
_entry.id   2FM2
#
_cell.length_a   224.909
_cell.length_b   224.909
_cell.length_c   75.402
_cell.angle_alpha   90.00
_cell.angle_beta   90.00
_cell.angle_gamma   120.00
#
_symmetry.space_group_name_H-M   'H 3 2'
#
loop_
_entity.id
_entity.type
_entity.pdbx_description
1 polymer 'NS3 protease/helicase'
2 polymer 'NS4a protein'
3 non-polymer 'ZINC ION'
4 non-polymer BETA-MERCAPTOETHANOL
5 non-polymer 'TERT-BUTYL [(1S)-1-({(1R,2S,5S)-2-[(3S,10S)-3-(CYCLOPROPYLMETHYL)-12-METHYL-4,5,8,11-TETRAOXO-10-PHENYL-2,6,9,12-TETRAAZATRIDECAN-1 -OYL]-6,6-DIMETHYL-3-AZABICYCLO[3.1.0]HEX-3-YL}CARBONYL)-2,2-DIMETHYLPROPYL]CARBAMATE'
6 water water
#
loop_
_entity_poly.entity_id
_entity_poly.type
_entity_poly.pdbx_seq_one_letter_code
_entity_poly.pdbx_strand_id
1 'polypeptide(L)'
;MASMTGGQQMGAPITAYAQQTRGLLGCIITSLTGRDKNQVEGEVQIVSTATQTFLATCINGVCWTVYHGAGTRTIASPKG
PVIQMYTNVDQDLVGWPAPQGSRSLTPCTCGSSDLYLVTRHADVIPVRRRGDSRGSLLSPRPISYLKGSSGGPLLCPAGH
AVGLFRAAVCTRGVAKAVDFIPVENLETTMRSGSHHHHHH
;
A,C
2 'polypeptide(L)' KKGSVVIVGRIVLSGKPAIIPKK B,D
#
loop_
_chem_comp.id
_chem_comp.type
_chem_comp.name
_chem_comp.formula
3BC non-polymer 'TERT-BUTYL [(1S)-1-({(1R,2S,5S)-2-[(3S,10S)-3-(CYCLOPROPYLMETHYL)-12-METHYL-4,5,8,11-TETRAOXO-10-PHENYL-2,6,9,12-TETRAAZATRIDECAN-1 -OYL]-6,6-DIMETHYL-3-AZABICYCLO[3.1.0]HEX-3-YL}CARBONYL)-2,2-DIMETHYLPROPYL]CARBAMATE' 'C38 H56 N6 O8'
BME non-polymer BETA-MERCAPTOETHANOL 'C2 H6 O S'
ZN non-polymer 'ZINC ION' 'Zn 2'
#
# COMPACT_ATOMS: atom_id res chain seq x y z
N ALA A 12 1.77 8.09 -9.35
CA ALA A 12 1.53 6.78 -8.69
C ALA A 12 1.32 6.94 -7.19
N PRO A 13 0.32 6.23 -6.64
CA PRO A 13 -0.01 6.29 -5.21
C PRO A 13 0.93 5.34 -4.43
N ILE A 14 0.89 5.42 -3.10
CA ILE A 14 1.73 4.56 -2.25
C ILE A 14 1.08 3.17 -2.12
N THR A 15 1.81 2.15 -2.56
CA THR A 15 1.30 0.79 -2.47
C THR A 15 2.47 -0.02 -1.95
N ALA A 16 2.17 -1.14 -1.31
CA ALA A 16 3.23 -1.96 -0.75
C ALA A 16 2.78 -3.38 -0.57
N TYR A 17 3.76 -4.29 -0.58
CA TYR A 17 3.49 -5.70 -0.38
C TYR A 17 4.57 -6.27 0.50
N ALA A 18 4.21 -7.30 1.26
CA ALA A 18 5.15 -7.97 2.16
C ALA A 18 5.45 -9.42 1.76
N GLN A 19 6.66 -9.87 2.05
CA GLN A 19 7.04 -11.24 1.76
C GLN A 19 7.82 -11.79 2.95
N GLN A 20 7.38 -12.94 3.46
CA GLN A 20 8.09 -13.58 4.56
C GLN A 20 9.27 -14.34 3.97
N THR A 21 10.49 -14.01 4.39
CA THR A 21 11.66 -14.67 3.88
C THR A 21 12.10 -15.86 4.72
N ARG A 22 11.74 -15.90 6.00
CA ARG A 22 12.12 -17.03 6.83
C ARG A 22 11.26 -17.30 8.02
N GLY A 23 11.33 -18.56 8.48
CA GLY A 23 10.55 -19.03 9.61
C GLY A 23 11.22 -19.04 10.97
N LEU A 24 10.41 -19.34 11.99
CA LEU A 24 10.84 -19.38 13.38
C LEU A 24 12.19 -20.06 13.64
N LEU A 25 12.27 -21.35 13.35
CA LEU A 25 13.49 -22.11 13.58
C LEU A 25 14.70 -21.59 12.79
N GLY A 26 14.48 -21.25 11.52
CA GLY A 26 15.55 -20.74 10.71
C GLY A 26 15.98 -19.38 11.24
N CYS A 27 15.05 -18.70 11.89
CA CYS A 27 15.31 -17.39 12.46
C CYS A 27 16.17 -17.54 13.71
N ILE A 28 15.82 -18.49 14.57
CA ILE A 28 16.59 -18.74 15.80
C ILE A 28 18.04 -19.11 15.48
N ILE A 29 18.22 -20.05 14.56
CA ILE A 29 19.57 -20.47 14.13
C ILE A 29 20.38 -19.29 13.63
N THR A 30 19.79 -18.54 12.71
CA THR A 30 20.46 -17.38 12.13
C THR A 30 20.80 -16.37 13.22
N SER A 31 19.91 -16.24 14.20
CA SER A 31 20.11 -15.33 15.29
C SER A 31 21.39 -15.66 16.05
N LEU A 32 21.52 -16.92 16.40
CA LEU A 32 22.69 -17.38 17.15
C LEU A 32 23.96 -17.32 16.33
N THR A 33 23.88 -17.76 15.09
CA THR A 33 25.04 -17.78 14.22
C THR A 33 25.45 -16.40 13.69
N GLY A 34 24.46 -15.52 13.53
CA GLY A 34 24.71 -14.20 13.00
C GLY A 34 24.96 -14.19 11.51
N ARG A 35 24.95 -15.36 10.86
CA ARG A 35 25.18 -15.40 9.41
C ARG A 35 23.90 -15.66 8.65
N ASP A 36 23.48 -14.66 7.87
CA ASP A 36 22.27 -14.77 7.07
C ASP A 36 22.71 -14.64 5.63
N LYS A 37 22.52 -15.70 4.85
CA LYS A 37 22.91 -15.69 3.45
C LYS A 37 21.76 -15.34 2.50
N ASN A 38 20.55 -15.23 3.03
CA ASN A 38 19.35 -14.90 2.24
C ASN A 38 19.52 -13.61 1.45
N GLN A 39 18.83 -13.52 0.31
CA GLN A 39 18.89 -12.35 -0.57
C GLN A 39 17.94 -11.30 -0.03
N VAL A 40 18.39 -10.05 -0.06
CA VAL A 40 17.61 -8.92 0.44
C VAL A 40 17.07 -8.02 -0.67
N GLU A 41 15.87 -7.51 -0.43
CA GLU A 41 15.18 -6.63 -1.34
C GLU A 41 14.24 -5.81 -0.50
N GLY A 42 13.90 -4.61 -0.97
CA GLY A 42 12.95 -3.78 -0.24
C GLY A 42 13.53 -2.61 0.51
N GLU A 43 12.67 -1.66 0.83
CA GLU A 43 13.05 -0.44 1.55
C GLU A 43 12.88 -0.64 3.06
N VAL A 44 11.92 -1.49 3.42
CA VAL A 44 11.63 -1.79 4.81
C VAL A 44 11.74 -3.27 5.09
N GLN A 45 12.61 -3.65 6.03
CA GLN A 45 12.81 -5.05 6.38
C GLN A 45 12.01 -5.45 7.62
N ILE A 46 11.35 -6.62 7.57
CA ILE A 46 10.59 -7.12 8.72
C ILE A 46 11.68 -7.77 9.57
N VAL A 47 11.90 -7.21 10.75
CA VAL A 47 12.97 -7.62 11.62
C VAL A 47 12.50 -8.37 12.85
N SER A 48 13.35 -9.26 13.36
CA SER A 48 12.96 -10.05 14.52
C SER A 48 14.10 -10.45 15.45
N THR A 49 13.77 -10.53 16.73
CA THR A 49 14.73 -10.97 17.75
C THR A 49 14.03 -12.18 18.33
N ALA A 50 14.73 -12.93 19.17
CA ALA A 50 14.12 -14.10 19.79
C ALA A 50 13.03 -13.71 20.79
N THR A 51 12.73 -12.42 20.90
CA THR A 51 11.72 -11.96 21.85
C THR A 51 10.60 -11.14 21.25
N GLN A 52 10.82 -10.53 20.10
CA GLN A 52 9.79 -9.71 19.46
C GLN A 52 10.15 -9.41 18.02
N THR A 53 9.14 -9.02 17.24
CA THR A 53 9.35 -8.69 15.83
C THR A 53 8.78 -7.32 15.56
N PHE A 54 9.48 -6.58 14.71
CA PHE A 54 9.14 -5.21 14.36
C PHE A 54 9.74 -4.88 12.98
N LEU A 55 9.88 -3.59 12.67
CA LEU A 55 10.39 -3.20 11.36
C LEU A 55 11.62 -2.33 11.43
N ALA A 56 12.35 -2.29 10.31
CA ALA A 56 13.55 -1.49 10.17
C ALA A 56 13.38 -0.83 8.82
N THR A 57 13.69 0.46 8.74
CA THR A 57 13.56 1.21 7.51
C THR A 57 14.91 1.72 6.99
N CYS A 58 15.23 1.41 5.74
CA CYS A 58 16.47 1.87 5.14
C CYS A 58 16.24 3.28 4.60
N ILE A 59 16.99 4.25 5.13
CA ILE A 59 16.86 5.62 4.65
C ILE A 59 18.30 6.06 4.43
N ASN A 60 18.61 6.48 3.20
CA ASN A 60 19.96 6.94 2.85
C ASN A 60 21.13 6.03 3.25
N GLY A 61 21.14 4.82 2.72
CA GLY A 61 22.22 3.88 3.00
C GLY A 61 22.30 3.30 4.40
N VAL A 62 21.37 3.67 5.28
CA VAL A 62 21.38 3.16 6.64
C VAL A 62 20.07 2.49 6.99
N CYS A 63 20.16 1.33 7.65
CA CYS A 63 19.00 0.58 8.07
C CYS A 63 18.64 0.98 9.51
N TRP A 64 17.66 1.86 9.66
CA TRP A 64 17.23 2.37 10.96
C TRP A 64 16.11 1.57 11.59
N THR A 65 16.12 1.52 12.91
CA THR A 65 15.05 0.87 13.63
C THR A 65 14.90 1.47 15.03
N VAL A 66 13.90 0.99 15.75
CA VAL A 66 13.58 1.46 17.07
C VAL A 66 14.47 0.78 18.14
N TYR A 67 15.19 1.60 18.91
CA TYR A 67 16.07 1.09 19.96
C TYR A 67 15.35 0.15 20.92
N HIS A 68 14.08 0.42 21.21
CA HIS A 68 13.34 -0.43 22.14
C HIS A 68 12.99 -1.79 21.57
N GLY A 69 13.47 -2.07 20.37
CA GLY A 69 13.19 -3.36 19.76
C GLY A 69 14.48 -4.09 19.49
N ALA A 70 15.44 -3.36 18.91
CA ALA A 70 16.74 -3.91 18.56
C ALA A 70 17.74 -3.83 19.70
N GLY A 71 17.44 -2.98 20.66
CA GLY A 71 18.33 -2.82 21.78
C GLY A 71 19.67 -2.43 21.20
N THR A 72 20.72 -3.07 21.65
CA THR A 72 22.05 -2.76 21.16
C THR A 72 22.60 -3.91 20.32
N ARG A 73 21.73 -4.86 19.98
CA ARG A 73 22.12 -6.04 19.22
C ARG A 73 22.75 -5.75 17.88
N THR A 74 23.38 -6.77 17.32
CA THR A 74 24.00 -6.70 16.00
C THR A 74 22.98 -7.24 15.00
N ILE A 75 23.17 -6.96 13.71
CA ILE A 75 22.25 -7.48 12.71
C ILE A 75 22.96 -8.60 11.96
N ALA A 76 22.26 -9.73 11.87
CA ALA A 76 22.78 -10.89 11.17
C ALA A 76 22.92 -10.55 9.71
N SER A 77 24.06 -10.89 9.12
CA SER A 77 24.30 -10.62 7.72
C SER A 77 25.04 -11.79 7.10
N PRO A 78 25.24 -11.77 5.77
CA PRO A 78 25.95 -12.86 5.08
C PRO A 78 27.44 -12.93 5.40
N LYS A 79 27.96 -11.89 6.06
CA LYS A 79 29.37 -11.87 6.43
C LYS A 79 29.54 -11.96 7.95
N GLY A 80 28.48 -12.41 8.63
CA GLY A 80 28.50 -12.52 10.07
C GLY A 80 27.71 -11.38 10.70
N PRO A 81 27.71 -11.22 12.04
CA PRO A 81 26.96 -10.13 12.68
C PRO A 81 27.58 -8.79 12.37
N VAL A 82 26.73 -7.80 12.17
CA VAL A 82 27.20 -6.47 11.87
C VAL A 82 26.82 -5.57 13.03
N ILE A 83 27.81 -4.84 13.52
CA ILE A 83 27.65 -3.93 14.65
C ILE A 83 26.94 -2.65 14.20
N GLN A 84 26.18 -2.06 15.12
CA GLN A 84 25.44 -0.84 14.84
C GLN A 84 26.32 0.34 14.46
N MET A 85 25.81 1.16 13.55
CA MET A 85 26.49 2.38 13.11
C MET A 85 26.13 3.51 14.07
N TYR A 86 24.89 3.51 14.54
CA TYR A 86 24.42 4.52 15.46
C TYR A 86 23.55 3.86 16.52
N THR A 87 23.62 4.41 17.73
CA THR A 87 22.86 3.91 18.85
C THR A 87 22.55 5.16 19.64
N ASN A 88 21.28 5.46 19.82
CA ASN A 88 20.89 6.64 20.55
C ASN A 88 19.73 6.32 21.45
N VAL A 89 20.07 5.79 22.61
CA VAL A 89 19.08 5.39 23.58
C VAL A 89 18.00 6.44 23.81
N ASP A 90 18.40 7.70 23.77
CA ASP A 90 17.46 8.80 24.00
C ASP A 90 16.50 9.03 22.85
N GLN A 91 17.01 9.08 21.62
CA GLN A 91 16.19 9.27 20.43
C GLN A 91 15.40 8.01 20.17
N ASP A 92 15.82 6.93 20.84
CA ASP A 92 15.23 5.61 20.72
C ASP A 92 15.56 5.07 19.32
N LEU A 93 16.79 5.32 18.87
CA LEU A 93 17.23 4.91 17.55
C LEU A 93 18.48 4.06 17.54
N VAL A 94 18.62 3.25 16.50
CA VAL A 94 19.80 2.42 16.27
C VAL A 94 19.80 2.29 14.75
N GLY A 95 20.97 2.11 14.17
CA GLY A 95 21.05 1.97 12.73
C GLY A 95 22.28 1.19 12.35
N TRP A 96 22.14 0.31 11.37
CA TRP A 96 23.23 -0.52 10.85
C TRP A 96 23.40 -0.13 9.39
N PRO A 97 24.51 -0.49 8.75
CA PRO A 97 24.65 -0.13 7.33
C PRO A 97 23.52 -0.87 6.64
N ALA A 98 22.81 -0.24 5.71
CA ALA A 98 21.71 -0.91 5.02
C ALA A 98 22.24 -2.16 4.34
N PRO A 99 21.57 -3.30 4.54
CA PRO A 99 21.97 -4.57 3.93
C PRO A 99 22.19 -4.45 2.43
N GLN A 100 23.07 -5.28 1.90
CA GLN A 100 23.33 -5.27 0.47
C GLN A 100 22.07 -5.84 -0.18
N GLY A 101 21.45 -5.08 -1.06
CA GLY A 101 20.27 -5.57 -1.74
C GLY A 101 19.00 -4.78 -1.42
N SER A 102 19.02 -4.00 -0.35
CA SER A 102 17.88 -3.20 0.05
C SER A 102 17.90 -1.87 -0.72
N ARG A 103 16.77 -1.18 -0.76
CA ARG A 103 16.66 0.11 -1.45
C ARG A 103 16.38 1.13 -0.39
N SER A 104 17.00 2.29 -0.50
CA SER A 104 16.81 3.31 0.50
C SER A 104 15.82 4.38 0.13
N LEU A 105 15.11 4.84 1.15
CA LEU A 105 14.16 5.93 1.01
C LEU A 105 15.04 7.16 1.20
N THR A 106 14.53 8.32 0.84
CA THR A 106 15.24 9.56 1.04
C THR A 106 14.31 10.46 1.85
N PRO A 107 14.86 11.26 2.76
CA PRO A 107 14.10 12.18 3.62
C PRO A 107 13.20 13.14 2.86
N CYS A 108 12.08 13.52 3.49
CA CYS A 108 11.11 14.41 2.90
C CYS A 108 11.60 15.84 2.87
N THR A 109 11.29 16.53 1.77
CA THR A 109 11.68 17.92 1.58
C THR A 109 10.50 18.71 0.98
N CYS A 110 9.33 18.56 1.60
CA CYS A 110 8.13 19.24 1.11
C CYS A 110 7.25 19.70 2.25
N GLY A 111 7.69 19.42 3.47
CA GLY A 111 6.94 19.80 4.66
C GLY A 111 5.46 19.48 4.64
N SER A 112 5.12 18.29 4.14
CA SER A 112 3.74 17.87 4.08
C SER A 112 3.26 17.49 5.47
N SER A 113 1.96 17.72 5.71
CA SER A 113 1.34 17.39 6.98
C SER A 113 0.46 16.16 6.79
N ASP A 114 0.37 15.70 5.56
CA ASP A 114 -0.42 14.52 5.24
C ASP A 114 0.56 13.36 5.12
N LEU A 115 0.65 12.58 6.19
CA LEU A 115 1.56 11.44 6.26
C LEU A 115 0.84 10.11 6.05
N TYR A 116 1.61 9.11 5.66
CA TYR A 116 1.10 7.75 5.41
C TYR A 116 2.00 6.75 6.14
N LEU A 117 1.42 5.94 7.01
CA LEU A 117 2.15 4.93 7.79
C LEU A 117 2.09 3.55 7.12
N VAL A 118 3.24 2.92 6.97
CA VAL A 118 3.28 1.60 6.37
C VAL A 118 3.45 0.58 7.49
N THR A 119 2.48 -0.33 7.61
CA THR A 119 2.49 -1.35 8.63
C THR A 119 3.17 -2.64 8.13
N ARG A 120 3.57 -3.50 9.07
CA ARG A 120 4.23 -4.77 8.77
C ARG A 120 3.41 -5.67 7.87
N HIS A 121 2.14 -5.35 7.71
CA HIS A 121 1.26 -6.13 6.86
C HIS A 121 1.14 -5.49 5.48
N ALA A 122 2.00 -4.50 5.24
CA ALA A 122 2.08 -3.75 3.99
C ALA A 122 0.82 -2.93 3.70
N ASP A 123 0.25 -2.34 4.74
CA ASP A 123 -0.94 -1.51 4.61
C ASP A 123 -0.50 -0.10 4.86
N VAL A 124 -0.88 0.84 4.00
CA VAL A 124 -0.50 2.21 4.24
C VAL A 124 -1.74 2.94 4.69
N ILE A 125 -1.71 3.39 5.94
CA ILE A 125 -2.83 4.11 6.55
C ILE A 125 -2.48 5.58 6.72
N PRO A 126 -3.42 6.50 6.40
CA PRO A 126 -3.14 7.92 6.54
C PRO A 126 -3.13 8.45 7.97
N VAL A 127 -2.24 9.40 8.22
CA VAL A 127 -2.13 10.05 9.51
C VAL A 127 -1.93 11.54 9.24
N ARG A 128 -2.55 12.39 10.05
CA ARG A 128 -2.45 13.84 9.92
C ARG A 128 -1.43 14.32 10.93
N ARG A 129 -0.43 15.03 10.45
CA ARG A 129 0.65 15.54 11.29
C ARG A 129 0.11 16.61 12.23
N ARG A 130 0.35 16.41 13.51
CA ARG A 130 -0.12 17.36 14.51
C ARG A 130 1.00 17.69 15.45
N GLY A 131 2.22 17.70 14.94
CA GLY A 131 3.38 18.00 15.76
C GLY A 131 4.63 17.36 15.22
N ASP A 132 5.77 17.74 15.77
CA ASP A 132 7.05 17.20 15.32
C ASP A 132 7.21 15.71 15.53
N SER A 133 6.32 15.11 16.31
CA SER A 133 6.42 13.69 16.60
C SER A 133 5.08 13.00 16.67
N ARG A 134 3.99 13.73 16.45
CA ARG A 134 2.69 13.08 16.51
C ARG A 134 1.84 13.40 15.28
N GLY A 135 0.93 12.50 14.99
CA GLY A 135 0.04 12.63 13.87
C GLY A 135 -1.17 11.80 14.25
N SER A 136 -2.36 12.26 13.89
CA SER A 136 -3.56 11.52 14.24
C SER A 136 -4.05 10.59 13.12
N LEU A 137 -4.52 9.41 13.51
CA LEU A 137 -5.02 8.45 12.55
C LEU A 137 -6.36 9.00 12.06
N LEU A 138 -6.51 9.17 10.75
CA LEU A 138 -7.77 9.67 10.19
C LEU A 138 -8.88 8.65 10.41
N SER A 139 -8.48 7.40 10.56
CA SER A 139 -9.39 6.30 10.79
C SER A 139 -8.78 5.41 11.87
N PRO A 140 -9.13 5.66 13.15
CA PRO A 140 -8.64 4.92 14.31
C PRO A 140 -8.75 3.41 14.08
N ARG A 141 -7.75 2.68 14.56
CA ARG A 141 -7.71 1.24 14.40
C ARG A 141 -7.25 0.60 15.70
N PRO A 142 -7.59 -0.68 15.92
CA PRO A 142 -7.19 -1.40 17.14
C PRO A 142 -5.67 -1.40 17.27
N ILE A 143 -5.18 -1.24 18.49
CA ILE A 143 -3.75 -1.22 18.72
C ILE A 143 -3.12 -2.48 18.12
N SER A 144 -3.87 -3.57 18.18
CA SER A 144 -3.43 -4.86 17.65
C SER A 144 -2.98 -4.79 16.20
N TYR A 145 -3.46 -3.79 15.48
CA TYR A 145 -3.11 -3.59 14.09
C TYR A 145 -1.70 -3.06 13.96
N LEU A 146 -1.35 -2.12 14.83
CA LEU A 146 -0.03 -1.54 14.80
C LEU A 146 1.05 -2.42 15.41
N LYS A 147 0.68 -3.42 16.21
CA LYS A 147 1.68 -4.28 16.82
C LYS A 147 2.62 -4.89 15.77
N GLY A 148 3.91 -4.71 16.01
CA GLY A 148 4.90 -5.23 15.10
C GLY A 148 5.40 -4.19 14.10
N SER A 149 4.76 -3.03 14.08
CA SER A 149 5.15 -1.99 13.14
C SER A 149 6.17 -0.92 13.56
N SER A 150 6.64 -0.94 14.81
CA SER A 150 7.62 0.05 15.29
C SER A 150 8.88 -0.01 14.46
N GLY A 151 9.33 1.15 13.97
CA GLY A 151 10.52 1.17 13.14
C GLY A 151 10.12 1.32 11.69
N GLY A 152 8.84 1.12 11.40
CA GLY A 152 8.33 1.26 10.04
C GLY A 152 8.35 2.72 9.63
N PRO A 153 8.17 3.06 8.34
CA PRO A 153 8.17 4.44 7.86
C PRO A 153 6.85 5.18 7.81
N LEU A 154 6.93 6.51 7.80
CA LEU A 154 5.80 7.43 7.67
C LEU A 154 6.26 8.27 6.48
N LEU A 155 5.62 8.07 5.34
CA LEU A 155 5.96 8.78 4.11
C LEU A 155 5.06 9.97 3.81
N CYS A 156 5.61 10.97 3.13
CA CYS A 156 4.80 12.11 2.74
C CYS A 156 4.16 11.63 1.43
N PRO A 157 3.29 12.42 0.80
CA PRO A 157 2.68 11.93 -0.45
C PRO A 157 3.67 11.57 -1.56
N ALA A 158 4.89 12.11 -1.48
CA ALA A 158 5.89 11.84 -2.52
C ALA A 158 6.64 10.53 -2.25
N GLY A 159 6.28 9.85 -1.17
CA GLY A 159 6.90 8.59 -0.81
C GLY A 159 8.26 8.76 -0.15
N HIS A 160 8.45 9.91 0.48
CA HIS A 160 9.70 10.19 1.15
C HIS A 160 9.54 10.07 2.64
N ALA A 161 10.63 9.65 3.28
CA ALA A 161 10.67 9.42 4.71
C ALA A 161 10.40 10.66 5.52
N VAL A 162 9.43 10.59 6.42
CA VAL A 162 9.11 11.71 7.31
C VAL A 162 9.50 11.29 8.72
N GLY A 163 9.26 10.02 9.04
CA GLY A 163 9.60 9.55 10.35
C GLY A 163 9.40 8.06 10.46
N LEU A 164 9.79 7.51 11.60
CA LEU A 164 9.68 6.08 11.89
C LEU A 164 8.69 5.88 13.05
N PHE A 165 7.70 5.02 12.85
CA PHE A 165 6.70 4.74 13.89
C PHE A 165 7.39 4.25 15.16
N ARG A 166 7.11 4.90 16.29
CA ARG A 166 7.72 4.54 17.57
C ARG A 166 6.77 3.95 18.60
N ALA A 167 5.62 4.58 18.78
CA ALA A 167 4.62 4.12 19.75
C ALA A 167 3.25 4.61 19.31
N ALA A 168 2.21 3.96 19.82
CA ALA A 168 0.85 4.36 19.47
C ALA A 168 0.22 5.06 20.65
N VAL A 169 -0.76 5.89 20.35
CA VAL A 169 -1.50 6.63 21.37
C VAL A 169 -2.87 5.96 21.51
N CYS A 170 -2.90 4.87 22.28
CA CYS A 170 -4.12 4.09 22.51
C CYS A 170 -5.08 4.59 23.56
N THR A 171 -6.35 4.37 23.27
CA THR A 171 -7.44 4.76 24.13
C THR A 171 -8.35 3.55 24.20
N ARG A 172 -8.28 2.84 25.32
CA ARG A 172 -9.07 1.64 25.54
C ARG A 172 -8.93 0.60 24.44
N GLY A 173 -7.68 0.43 23.98
CA GLY A 173 -7.40 -0.54 22.94
C GLY A 173 -7.44 -0.03 21.51
N VAL A 174 -7.91 1.21 21.32
CA VAL A 174 -7.97 1.76 19.98
C VAL A 174 -6.93 2.85 19.80
N ALA A 175 -6.15 2.75 18.74
CA ALA A 175 -5.11 3.72 18.44
C ALA A 175 -5.71 4.92 17.74
N LYS A 176 -5.64 6.06 18.42
CA LYS A 176 -6.17 7.29 17.87
C LYS A 176 -5.09 8.16 17.22
N ALA A 177 -3.85 7.99 17.67
CA ALA A 177 -2.73 8.76 17.12
C ALA A 177 -1.44 7.95 17.22
N VAL A 178 -0.35 8.51 16.74
CA VAL A 178 0.93 7.81 16.79
C VAL A 178 2.11 8.74 17.07
N ASP A 179 3.13 8.18 17.70
CA ASP A 179 4.35 8.91 18.01
C ASP A 179 5.41 8.38 17.10
N PHE A 180 6.14 9.29 16.46
CA PHE A 180 7.18 8.89 15.55
C PHE A 180 8.46 9.66 15.81
N ILE A 181 9.54 9.16 15.23
CA ILE A 181 10.84 9.80 15.35
C ILE A 181 11.04 10.50 14.00
N PRO A 182 10.89 11.83 13.95
CA PRO A 182 11.08 12.54 12.68
C PRO A 182 12.50 12.39 12.15
N VAL A 183 12.64 12.31 10.83
CA VAL A 183 13.94 12.16 10.17
C VAL A 183 15.03 13.05 10.77
N GLU A 184 14.65 14.23 11.24
CA GLU A 184 15.59 15.18 11.84
C GLU A 184 16.43 14.54 12.94
N ASN A 185 15.80 13.72 13.78
CA ASN A 185 16.50 13.06 14.86
C ASN A 185 17.54 12.08 14.37
N LEU A 186 17.36 11.60 13.15
CA LEU A 186 18.31 10.67 12.53
C LEU A 186 19.61 11.40 12.21
N GLU A 187 19.50 12.51 11.50
CA GLU A 187 20.67 13.29 11.15
C GLU A 187 21.45 13.67 12.41
N THR A 188 20.70 14.05 13.44
CA THR A 188 21.31 14.43 14.71
C THR A 188 22.02 13.23 15.32
N THR A 189 21.35 12.09 15.32
CA THR A 189 21.91 10.86 15.86
C THR A 189 23.17 10.49 15.08
N MET A 190 23.20 10.84 13.80
CA MET A 190 24.37 10.54 12.97
C MET A 190 25.50 11.51 13.28
N ARG A 191 25.15 12.73 13.63
CA ARG A 191 26.15 13.74 13.98
C ARG A 191 26.63 13.59 15.42
N SER A 192 26.10 12.59 16.12
CA SER A 192 26.47 12.32 17.50
C SER A 192 27.16 10.95 17.65
N LYS B 2 23.13 -11.63 24.14
CA LYS B 2 21.97 -11.39 23.25
C LYS B 2 22.43 -11.71 21.84
N GLY B 3 21.53 -12.28 21.05
CA GLY B 3 21.87 -12.63 19.68
C GLY B 3 21.71 -11.48 18.71
N SER B 4 21.70 -11.82 17.42
CA SER B 4 21.55 -10.82 16.38
C SER B 4 20.11 -10.67 15.93
N VAL B 5 19.80 -9.49 15.40
CA VAL B 5 18.49 -9.18 14.87
C VAL B 5 18.54 -9.83 13.50
N VAL B 6 17.50 -10.58 13.17
CA VAL B 6 17.49 -11.25 11.88
C VAL B 6 16.27 -10.85 11.06
N ILE B 7 16.51 -10.61 9.77
CA ILE B 7 15.44 -10.24 8.86
C ILE B 7 14.56 -11.48 8.61
N VAL B 8 13.24 -11.34 8.68
CA VAL B 8 12.34 -12.47 8.45
C VAL B 8 11.32 -12.21 7.35
N GLY B 9 11.41 -11.02 6.77
CA GLY B 9 10.48 -10.66 5.73
C GLY B 9 10.91 -9.32 5.17
N ARG B 10 10.11 -8.78 4.26
CA ARG B 10 10.41 -7.50 3.63
C ARG B 10 9.10 -6.86 3.22
N ILE B 11 9.15 -5.56 3.02
CA ILE B 11 8.00 -4.81 2.60
C ILE B 11 8.53 -3.95 1.46
N VAL B 12 7.96 -4.13 0.28
CA VAL B 12 8.41 -3.37 -0.87
C VAL B 12 7.43 -2.29 -1.28
N LEU B 13 7.96 -1.07 -1.33
CA LEU B 13 7.20 0.11 -1.70
C LEU B 13 7.40 0.49 -3.15
N SER B 14 8.54 0.13 -3.72
CA SER B 14 8.89 0.47 -5.09
C SER B 14 8.11 -0.29 -6.18
N GLY B 15 7.16 -1.12 -5.77
CA GLY B 15 6.38 -1.89 -6.73
C GLY B 15 5.28 -1.04 -7.34
N LYS B 16 4.94 -1.31 -8.60
CA LYS B 16 3.90 -0.56 -9.30
C LYS B 16 2.82 -1.53 -9.83
N PRO B 17 1.59 -1.05 -10.09
CA PRO B 17 0.54 -1.96 -10.59
C PRO B 17 1.06 -2.84 -11.70
N ALA B 18 0.62 -4.09 -11.72
CA ALA B 18 1.08 -4.99 -12.75
C ALA B 18 0.06 -6.07 -12.97
N ILE B 19 -0.04 -6.48 -14.22
CA ILE B 19 -0.94 -7.52 -14.63
C ILE B 19 -0.30 -8.83 -14.24
N ILE B 20 -0.90 -9.52 -13.28
CA ILE B 20 -0.38 -10.80 -12.80
C ILE B 20 -0.27 -11.79 -13.97
N PRO B 21 0.94 -12.32 -14.23
CA PRO B 21 1.18 -13.28 -15.31
C PRO B 21 0.41 -14.57 -15.13
N LYS B 22 0.44 -15.43 -16.15
CA LYS B 22 -0.25 -16.71 -16.12
C LYS B 22 0.71 -17.82 -16.53
N VAL C 40 0.00 -14.55 -5.41
CA VAL C 40 -0.40 -13.12 -5.49
C VAL C 40 -1.91 -13.09 -5.73
N GLU C 41 -2.53 -11.97 -5.34
CA GLU C 41 -3.96 -11.75 -5.52
C GLU C 41 -4.14 -10.35 -6.10
N GLY C 42 -5.04 -10.24 -7.07
CA GLY C 42 -5.29 -8.95 -7.69
C GLY C 42 -6.56 -8.29 -7.18
N GLU C 43 -6.52 -6.96 -7.08
CA GLU C 43 -7.68 -6.19 -6.62
C GLU C 43 -8.52 -5.83 -7.85
N VAL C 44 -7.84 -5.68 -8.98
CA VAL C 44 -8.47 -5.32 -10.25
C VAL C 44 -8.54 -6.49 -11.24
N GLN C 45 -9.76 -6.86 -11.61
CA GLN C 45 -9.97 -7.95 -12.56
C GLN C 45 -10.23 -7.36 -13.94
N ILE C 46 -9.57 -7.91 -14.95
CA ILE C 46 -9.79 -7.46 -16.32
C ILE C 46 -10.85 -8.41 -16.82
N VAL C 47 -12.03 -7.88 -17.10
CA VAL C 47 -13.16 -8.70 -17.53
C VAL C 47 -13.58 -8.43 -18.96
N SER C 48 -14.44 -9.29 -19.48
CA SER C 48 -14.95 -9.14 -20.83
C SER C 48 -16.24 -9.90 -21.11
N THR C 49 -17.07 -9.27 -21.93
CA THR C 49 -18.33 -9.83 -22.36
C THR C 49 -18.13 -10.03 -23.86
N ALA C 50 -19.05 -10.71 -24.50
CA ALA C 50 -18.97 -10.98 -25.94
C ALA C 50 -18.76 -9.70 -26.73
N THR C 51 -19.38 -8.64 -26.28
CA THR C 51 -19.32 -7.35 -26.92
C THR C 51 -18.11 -6.50 -26.58
N GLN C 52 -17.79 -6.40 -25.29
CA GLN C 52 -16.68 -5.57 -24.88
C GLN C 52 -15.78 -6.14 -23.79
N THR C 53 -14.87 -5.31 -23.33
CA THR C 53 -13.92 -5.64 -22.28
C THR C 53 -13.76 -4.37 -21.46
N PHE C 54 -13.73 -4.53 -20.15
CA PHE C 54 -13.58 -3.42 -19.24
C PHE C 54 -12.88 -3.97 -18.00
N LEU C 55 -13.01 -3.29 -16.87
CA LEU C 55 -12.37 -3.71 -15.65
C LEU C 55 -13.37 -3.84 -14.51
N ALA C 56 -12.92 -4.46 -13.42
CA ALA C 56 -13.73 -4.60 -12.22
C ALA C 56 -12.76 -4.36 -11.07
N THR C 57 -13.29 -3.92 -9.94
CA THR C 57 -12.48 -3.62 -8.77
C THR C 57 -13.19 -4.19 -7.57
N CYS C 58 -12.47 -4.96 -6.77
CA CYS C 58 -13.06 -5.54 -5.58
C CYS C 58 -12.92 -4.53 -4.44
N ILE C 59 -14.04 -4.15 -3.83
CA ILE C 59 -13.98 -3.24 -2.69
C ILE C 59 -14.97 -3.74 -1.66
N ASN C 60 -14.52 -3.88 -0.41
CA ASN C 60 -15.37 -4.36 0.67
C ASN C 60 -15.96 -5.75 0.40
N GLY C 61 -15.18 -6.60 -0.28
CA GLY C 61 -15.62 -7.95 -0.56
C GLY C 61 -16.48 -8.16 -1.79
N VAL C 62 -16.82 -7.07 -2.46
CA VAL C 62 -17.63 -7.14 -3.67
C VAL C 62 -16.76 -6.81 -4.89
N CYS C 63 -17.13 -7.38 -6.04
CA CYS C 63 -16.44 -7.14 -7.30
C CYS C 63 -17.37 -6.18 -8.03
N TRP C 64 -17.00 -4.89 -8.04
CA TRP C 64 -17.78 -3.83 -8.67
C TRP C 64 -17.33 -3.53 -10.08
N THR C 65 -18.27 -3.08 -10.92
CA THR C 65 -17.96 -2.71 -12.30
C THR C 65 -19.09 -1.80 -12.77
N VAL C 66 -19.01 -1.38 -14.02
CA VAL C 66 -20.03 -0.50 -14.57
C VAL C 66 -21.15 -1.24 -15.27
N TYR C 67 -22.38 -0.82 -14.99
CA TYR C 67 -23.59 -1.41 -15.57
C TYR C 67 -23.57 -1.37 -17.09
N HIS C 68 -22.96 -0.34 -17.66
CA HIS C 68 -22.90 -0.23 -19.11
C HIS C 68 -21.93 -1.23 -19.73
N GLY C 69 -21.22 -1.95 -18.88
CA GLY C 69 -20.29 -2.94 -19.36
C GLY C 69 -20.87 -4.32 -19.11
N ALA C 70 -21.28 -4.57 -17.89
CA ALA C 70 -21.83 -5.87 -17.48
C ALA C 70 -23.36 -6.02 -17.57
N GLY C 71 -24.08 -4.93 -17.35
CA GLY C 71 -25.53 -5.00 -17.39
C GLY C 71 -25.96 -5.77 -16.17
N THR C 72 -26.84 -6.75 -16.35
CA THR C 72 -27.29 -7.59 -15.24
C THR C 72 -26.69 -8.98 -15.41
N ARG C 73 -25.65 -9.04 -16.23
CA ARG C 73 -24.96 -10.28 -16.51
C ARG C 73 -24.42 -10.90 -15.25
N THR C 74 -24.29 -12.20 -15.29
CA THR C 74 -23.77 -12.96 -14.18
C THR C 74 -22.26 -13.11 -14.43
N ILE C 75 -21.47 -13.32 -13.38
CA ILE C 75 -20.03 -13.50 -13.56
C ILE C 75 -19.66 -14.99 -13.53
N ALA C 76 -18.79 -15.42 -14.43
CA ALA C 76 -18.37 -16.80 -14.50
C ALA C 76 -17.66 -17.25 -13.23
N SER C 77 -17.73 -18.54 -12.94
CA SER C 77 -17.10 -19.15 -11.76
C SER C 77 -16.96 -20.65 -12.06
N PRO C 78 -15.86 -21.29 -11.62
CA PRO C 78 -15.65 -22.71 -11.87
C PRO C 78 -16.75 -23.64 -11.35
N LYS C 79 -17.69 -23.10 -10.58
CA LYS C 79 -18.81 -23.87 -10.04
C LYS C 79 -20.12 -23.37 -10.68
N GLY C 80 -19.96 -22.57 -11.75
CA GLY C 80 -21.10 -22.02 -12.46
C GLY C 80 -21.18 -20.51 -12.34
N PRO C 81 -22.08 -19.83 -13.08
CA PRO C 81 -22.26 -18.39 -13.05
C PRO C 81 -22.86 -17.92 -11.74
N VAL C 82 -22.32 -16.85 -11.18
CA VAL C 82 -22.81 -16.32 -9.91
C VAL C 82 -23.45 -14.97 -10.19
N ILE C 83 -24.69 -14.81 -9.73
CA ILE C 83 -25.44 -13.58 -9.95
C ILE C 83 -24.98 -12.40 -9.13
N GLN C 84 -25.34 -11.21 -9.62
CA GLN C 84 -25.01 -9.94 -8.99
C GLN C 84 -25.65 -9.79 -7.63
N MET C 85 -24.87 -9.26 -6.68
CA MET C 85 -25.37 -8.99 -5.33
C MET C 85 -26.04 -7.63 -5.38
N TYR C 86 -25.44 -6.72 -6.13
CA TYR C 86 -25.95 -5.37 -6.25
C TYR C 86 -26.01 -4.92 -7.70
N THR C 87 -27.15 -4.37 -8.10
CA THR C 87 -27.32 -3.84 -9.44
C THR C 87 -27.94 -2.48 -9.18
N ASN C 88 -27.32 -1.44 -9.72
CA ASN C 88 -27.80 -0.08 -9.54
C ASN C 88 -27.66 0.66 -10.86
N VAL C 89 -28.66 0.47 -11.72
CA VAL C 89 -28.68 1.07 -13.05
C VAL C 89 -28.56 2.59 -12.95
N ASP C 90 -29.27 3.16 -11.98
CA ASP C 90 -29.29 4.59 -11.74
C ASP C 90 -27.89 5.15 -11.55
N GLN C 91 -27.04 4.40 -10.87
CA GLN C 91 -25.67 4.83 -10.63
C GLN C 91 -24.61 4.18 -11.52
N ASP C 92 -25.03 3.37 -12.50
CA ASP C 92 -24.12 2.68 -13.42
C ASP C 92 -23.21 1.72 -12.64
N LEU C 93 -23.72 1.23 -11.51
CA LEU C 93 -23.00 0.35 -10.59
C LEU C 93 -23.61 -1.05 -10.40
N VAL C 94 -22.78 -2.08 -10.47
CA VAL C 94 -23.22 -3.46 -10.23
C VAL C 94 -22.11 -4.14 -9.45
N GLY C 95 -22.42 -5.24 -8.78
CA GLY C 95 -21.42 -5.92 -7.99
C GLY C 95 -21.76 -7.37 -7.75
N TRP C 96 -20.76 -8.24 -7.82
CA TRP C 96 -20.93 -9.67 -7.58
C TRP C 96 -20.04 -10.01 -6.38
N PRO C 97 -20.12 -11.24 -5.85
CA PRO C 97 -19.24 -11.56 -4.72
C PRO C 97 -17.83 -11.59 -5.32
N ALA C 98 -16.85 -11.03 -4.62
CA ALA C 98 -15.48 -10.99 -5.12
C ALA C 98 -15.04 -12.39 -5.53
N PRO C 99 -14.55 -12.54 -6.76
CA PRO C 99 -14.09 -13.83 -7.32
C PRO C 99 -12.79 -14.32 -6.68
N GLN C 100 -12.36 -15.51 -7.09
CA GLN C 100 -11.13 -16.10 -6.58
C GLN C 100 -9.91 -15.40 -7.18
N GLY C 101 -8.80 -15.39 -6.46
CA GLY C 101 -7.60 -14.75 -6.95
C GLY C 101 -7.66 -13.25 -6.81
N SER C 102 -8.60 -12.77 -5.99
CA SER C 102 -8.80 -11.36 -5.79
C SER C 102 -8.61 -11.00 -4.33
N ARG C 103 -8.33 -9.72 -4.07
CA ARG C 103 -8.17 -9.18 -2.72
C ARG C 103 -8.85 -7.83 -2.74
N SER C 104 -9.60 -7.52 -1.68
CA SER C 104 -10.31 -6.25 -1.62
C SER C 104 -9.44 -5.04 -1.35
N LEU C 105 -9.87 -3.92 -1.94
CA LEU C 105 -9.21 -2.63 -1.82
C LEU C 105 -9.88 -1.87 -0.68
N THR C 106 -9.14 -0.96 -0.06
CA THR C 106 -9.65 -0.19 1.07
C THR C 106 -10.25 1.14 0.65
N PRO C 107 -11.40 1.51 1.22
CA PRO C 107 -12.01 2.79 0.84
C PRO C 107 -11.11 3.93 1.34
N CYS C 108 -11.07 5.06 0.63
CA CYS C 108 -10.24 6.18 1.08
C CYS C 108 -10.88 6.94 2.25
N THR C 109 -10.04 7.41 3.17
CA THR C 109 -10.50 8.16 4.34
C THR C 109 -9.60 9.37 4.63
N CYS C 110 -8.92 9.86 3.61
CA CYS C 110 -8.00 11.00 3.78
C CYS C 110 -8.49 12.23 3.03
N GLY C 111 -9.59 12.07 2.29
CA GLY C 111 -10.14 13.17 1.53
C GLY C 111 -9.34 13.73 0.37
N SER C 112 -8.08 13.34 0.22
CA SER C 112 -7.24 13.86 -0.86
C SER C 112 -7.89 14.02 -2.24
N SER C 113 -7.40 15.02 -2.97
CA SER C 113 -7.92 15.31 -4.29
C SER C 113 -6.90 14.96 -5.35
N ASP C 114 -5.81 14.34 -4.90
CA ASP C 114 -4.77 13.89 -5.82
C ASP C 114 -5.07 12.42 -6.05
N LEU C 115 -5.87 12.15 -7.08
CA LEU C 115 -6.28 10.80 -7.43
C LEU C 115 -5.40 10.17 -8.50
N TYR C 116 -5.42 8.84 -8.58
CA TYR C 116 -4.63 8.10 -9.56
C TYR C 116 -5.48 7.02 -10.20
N LEU C 117 -5.65 7.10 -11.51
CA LEU C 117 -6.43 6.12 -12.24
C LEU C 117 -5.55 5.02 -12.81
N VAL C 118 -5.96 3.76 -12.60
CA VAL C 118 -5.24 2.60 -13.11
C VAL C 118 -5.97 2.06 -14.33
N THR C 119 -5.27 2.02 -15.47
CA THR C 119 -5.86 1.54 -16.72
C THR C 119 -5.71 0.03 -16.80
N ARG C 120 -6.37 -0.59 -17.76
CA ARG C 120 -6.27 -2.05 -17.93
C ARG C 120 -4.91 -2.51 -18.43
N HIS C 121 -4.02 -1.56 -18.70
CA HIS C 121 -2.69 -1.89 -19.13
C HIS C 121 -1.75 -1.69 -17.96
N ALA C 122 -2.34 -1.43 -16.80
CA ALA C 122 -1.64 -1.19 -15.55
C ALA C 122 -1.04 0.20 -15.47
N ASP C 123 -1.36 1.06 -16.42
CA ASP C 123 -0.83 2.41 -16.41
C ASP C 123 -1.51 3.20 -15.31
N VAL C 124 -0.81 4.15 -14.72
CA VAL C 124 -1.37 4.99 -13.66
C VAL C 124 -1.43 6.41 -14.23
N ILE C 125 -2.57 7.06 -14.03
CA ILE C 125 -2.81 8.39 -14.57
C ILE C 125 -3.18 9.34 -13.45
N PRO C 126 -2.32 10.33 -13.16
CA PRO C 126 -2.63 11.30 -12.09
C PRO C 126 -3.84 12.14 -12.49
N VAL C 127 -4.89 12.08 -11.68
CA VAL C 127 -6.14 12.79 -11.93
C VAL C 127 -6.50 13.66 -10.74
N ARG C 128 -6.56 14.97 -10.92
CA ARG C 128 -6.91 15.86 -9.83
C ARG C 128 -8.43 15.98 -9.70
N ARG C 129 -8.92 15.88 -8.46
CA ARG C 129 -10.33 15.92 -8.21
C ARG C 129 -10.96 17.30 -8.37
N ARG C 130 -11.96 17.38 -9.24
CA ARG C 130 -12.68 18.61 -9.50
C ARG C 130 -14.12 18.56 -8.97
N GLY C 131 -14.46 17.51 -8.23
CA GLY C 131 -15.81 17.38 -7.71
C GLY C 131 -16.07 15.97 -7.23
N ASP C 132 -17.13 15.77 -6.47
CA ASP C 132 -17.42 14.45 -5.93
C ASP C 132 -17.53 13.29 -6.92
N SER C 133 -17.62 13.58 -8.22
CA SER C 133 -17.72 12.50 -9.20
C SER C 133 -16.97 12.78 -10.49
N ARG C 134 -16.06 13.76 -10.46
CA ARG C 134 -15.31 14.12 -11.65
C ARG C 134 -13.88 14.57 -11.32
N GLY C 135 -12.96 14.35 -12.24
CA GLY C 135 -11.58 14.74 -12.04
C GLY C 135 -10.86 14.98 -13.34
N SER C 136 -9.89 15.89 -13.33
CA SER C 136 -9.12 16.23 -14.53
C SER C 136 -7.73 15.59 -14.59
N LEU C 137 -7.43 14.92 -15.70
CA LEU C 137 -6.11 14.28 -15.83
C LEU C 137 -5.10 15.39 -15.79
N LEU C 138 -3.97 15.15 -15.12
CA LEU C 138 -2.93 16.17 -15.05
C LEU C 138 -2.30 16.30 -16.43
N SER C 139 -2.44 15.26 -17.24
CA SER C 139 -1.92 15.23 -18.60
C SER C 139 -2.91 14.43 -19.45
N PRO C 140 -3.70 15.13 -20.29
CA PRO C 140 -4.69 14.46 -21.15
C PRO C 140 -4.02 13.46 -22.07
N ARG C 141 -4.72 12.36 -22.33
CA ARG C 141 -4.19 11.31 -23.18
C ARG C 141 -5.28 11.01 -24.20
N PRO C 142 -4.91 10.54 -25.40
CA PRO C 142 -5.92 10.22 -26.40
C PRO C 142 -6.89 9.22 -25.78
N ILE C 143 -8.18 9.36 -26.08
CA ILE C 143 -9.20 8.49 -25.50
C ILE C 143 -8.91 6.98 -25.52
N SER C 144 -8.14 6.54 -26.51
CA SER C 144 -7.79 5.14 -26.63
C SER C 144 -7.07 4.63 -25.38
N TYR C 145 -6.18 5.47 -24.84
CA TYR C 145 -5.39 5.14 -23.66
C TYR C 145 -6.28 4.73 -22.48
N LEU C 146 -7.47 5.30 -22.40
CA LEU C 146 -8.41 5.00 -21.32
C LEU C 146 -9.47 4.00 -21.76
N LYS C 147 -9.43 3.58 -23.01
CA LYS C 147 -10.40 2.65 -23.55
C LYS C 147 -10.25 1.28 -22.89
N GLY C 148 -11.37 0.74 -22.39
CA GLY C 148 -11.38 -0.57 -21.75
C GLY C 148 -11.11 -0.55 -20.25
N SER C 149 -10.89 0.64 -19.68
CA SER C 149 -10.58 0.77 -18.26
C SER C 149 -11.73 1.08 -17.33
N SER C 150 -12.95 1.20 -17.87
CA SER C 150 -14.10 1.48 -17.02
C SER C 150 -14.32 0.34 -16.03
N GLY C 151 -14.60 0.69 -14.79
CA GLY C 151 -14.78 -0.32 -13.76
C GLY C 151 -13.53 -0.23 -12.89
N GLY C 152 -12.45 0.27 -13.49
CA GLY C 152 -11.19 0.45 -12.80
C GLY C 152 -11.24 1.34 -11.56
N PRO C 153 -10.17 1.45 -10.76
CA PRO C 153 -10.24 2.30 -9.58
C PRO C 153 -9.55 3.64 -9.64
N LEU C 154 -10.04 4.57 -8.83
CA LEU C 154 -9.40 5.86 -8.72
C LEU C 154 -8.91 5.80 -7.29
N LEU C 155 -7.59 5.67 -7.15
CA LEU C 155 -6.89 5.58 -5.86
C LEU C 155 -6.43 6.94 -5.34
N CYS C 156 -6.18 7.03 -4.04
CA CYS C 156 -5.71 8.28 -3.45
C CYS C 156 -4.21 8.11 -3.22
N PRO C 157 -3.50 9.11 -2.66
CA PRO C 157 -2.04 8.99 -2.42
C PRO C 157 -1.62 7.78 -1.60
N ALA C 158 -2.58 7.08 -1.03
CA ALA C 158 -2.31 5.92 -0.19
C ALA C 158 -2.77 4.61 -0.82
N GLY C 159 -3.16 4.65 -2.10
CA GLY C 159 -3.59 3.44 -2.78
C GLY C 159 -4.95 2.93 -2.37
N HIS C 160 -5.74 3.78 -1.72
CA HIS C 160 -7.08 3.41 -1.29
C HIS C 160 -8.10 3.90 -2.32
N ALA C 161 -9.18 3.15 -2.48
CA ALA C 161 -10.22 3.47 -3.44
C ALA C 161 -10.95 4.76 -3.12
N VAL C 162 -11.01 5.64 -4.12
CA VAL C 162 -11.69 6.93 -4.01
C VAL C 162 -13.00 6.80 -4.80
N GLY C 163 -12.96 6.03 -5.87
CA GLY C 163 -14.14 5.83 -6.68
C GLY C 163 -13.83 4.83 -7.76
N LEU C 164 -14.82 4.56 -8.60
CA LEU C 164 -14.71 3.60 -9.68
C LEU C 164 -14.87 4.36 -11.00
N PHE C 165 -13.90 4.24 -11.89
CA PHE C 165 -13.92 4.94 -13.17
C PHE C 165 -15.18 4.63 -14.00
N ARG C 166 -16.06 5.62 -14.12
CA ARG C 166 -17.32 5.47 -14.85
C ARG C 166 -17.25 5.74 -16.36
N ALA C 167 -16.69 6.88 -16.75
CA ALA C 167 -16.57 7.24 -18.17
C ALA C 167 -15.55 8.36 -18.40
N ALA C 168 -14.88 8.30 -19.55
CA ALA C 168 -13.87 9.30 -19.91
C ALA C 168 -14.52 10.52 -20.56
N VAL C 169 -14.13 11.71 -20.12
CA VAL C 169 -14.67 12.94 -20.71
C VAL C 169 -13.64 13.47 -21.70
N CYS C 170 -13.90 13.26 -22.98
CA CYS C 170 -12.96 13.69 -24.02
C CYS C 170 -13.46 14.76 -24.98
N THR C 171 -12.54 15.63 -25.39
CA THR C 171 -12.84 16.70 -26.31
C THR C 171 -12.07 16.41 -27.59
N ARG C 172 -12.79 16.00 -28.62
CA ARG C 172 -12.15 15.71 -29.89
C ARG C 172 -11.14 14.58 -29.79
N GLY C 173 -11.52 13.53 -29.07
CA GLY C 173 -10.65 12.36 -28.92
C GLY C 173 -9.54 12.47 -27.89
N VAL C 174 -9.55 13.52 -27.09
CA VAL C 174 -8.55 13.71 -26.06
C VAL C 174 -9.20 13.67 -24.70
N ALA C 175 -8.88 12.65 -23.93
CA ALA C 175 -9.44 12.52 -22.60
C ALA C 175 -8.74 13.56 -21.74
N LYS C 176 -9.49 14.56 -21.28
CA LYS C 176 -8.91 15.60 -20.43
C LYS C 176 -9.46 15.42 -19.03
N ALA C 177 -10.59 14.71 -18.91
CA ALA C 177 -11.23 14.47 -17.63
C ALA C 177 -11.86 13.09 -17.56
N VAL C 178 -12.34 12.75 -16.36
CA VAL C 178 -13.00 11.47 -16.12
C VAL C 178 -14.19 11.60 -15.17
N ASP C 179 -15.15 10.71 -15.33
CA ASP C 179 -16.36 10.67 -14.50
C ASP C 179 -16.16 9.42 -13.65
N PHE C 180 -16.58 9.48 -12.40
CA PHE C 180 -16.40 8.32 -11.52
C PHE C 180 -17.44 8.17 -10.44
N ILE C 181 -17.69 6.91 -10.07
CA ILE C 181 -18.65 6.56 -9.04
C ILE C 181 -17.89 6.51 -7.70
N PRO C 182 -18.07 7.51 -6.82
CA PRO C 182 -17.36 7.52 -5.53
C PRO C 182 -17.68 6.35 -4.60
N VAL C 183 -16.68 5.94 -3.83
CA VAL C 183 -16.84 4.82 -2.88
C VAL C 183 -18.07 4.91 -2.03
N GLU C 184 -18.50 6.12 -1.70
CA GLU C 184 -19.69 6.31 -0.88
C GLU C 184 -20.87 5.59 -1.50
N ASN C 185 -21.04 5.73 -2.82
CA ASN C 185 -22.12 5.10 -3.55
C ASN C 185 -22.04 3.60 -3.37
N LEU C 186 -20.82 3.08 -3.45
CA LEU C 186 -20.60 1.66 -3.25
C LEU C 186 -20.99 1.30 -1.81
N GLU C 187 -20.48 2.08 -0.88
CA GLU C 187 -20.71 1.88 0.55
C GLU C 187 -22.17 1.93 0.96
N THR C 188 -22.95 2.79 0.31
CA THR C 188 -24.36 2.92 0.65
C THR C 188 -25.19 1.83 -0.01
N THR C 189 -24.78 1.43 -1.21
CA THR C 189 -25.47 0.38 -1.97
C THR C 189 -25.43 -0.95 -1.20
N MET C 190 -24.38 -1.11 -0.39
CA MET C 190 -24.21 -2.30 0.42
C MET C 190 -25.05 -2.14 1.70
N GLY D 3 -24.28 -14.04 -22.20
CA GLY D 3 -23.59 -15.02 -21.32
C GLY D 3 -23.14 -14.33 -20.05
N SER D 4 -22.08 -14.84 -19.41
CA SER D 4 -21.56 -14.25 -18.19
C SER D 4 -20.44 -13.25 -18.50
N VAL D 5 -19.92 -12.64 -17.46
CA VAL D 5 -18.80 -11.71 -17.57
C VAL D 5 -17.69 -12.63 -17.13
N VAL D 6 -16.71 -12.84 -17.99
CA VAL D 6 -15.61 -13.72 -17.63
C VAL D 6 -14.38 -12.89 -17.31
N ILE D 7 -13.61 -13.35 -16.34
CA ILE D 7 -12.39 -12.67 -15.93
C ILE D 7 -11.28 -13.16 -16.83
N VAL D 8 -10.69 -12.26 -17.59
CA VAL D 8 -9.63 -12.63 -18.50
C VAL D 8 -8.21 -12.24 -18.09
N GLY D 9 -8.07 -11.66 -16.91
CA GLY D 9 -6.76 -11.26 -16.42
C GLY D 9 -6.93 -10.57 -15.07
N ARG D 10 -5.82 -10.23 -14.43
CA ARG D 10 -5.87 -9.55 -13.13
C ARG D 10 -4.65 -8.67 -12.89
N ILE D 11 -4.87 -7.59 -12.16
CA ILE D 11 -3.87 -6.59 -11.86
C ILE D 11 -3.64 -6.49 -10.36
N VAL D 12 -2.38 -6.57 -9.95
CA VAL D 12 -2.01 -6.46 -8.55
C VAL D 12 -1.37 -5.06 -8.42
N LEU D 13 -2.04 -4.18 -7.68
CA LEU D 13 -1.59 -2.80 -7.51
C LEU D 13 -0.23 -2.54 -6.90
N SER D 14 0.23 -3.44 -6.04
CA SER D 14 1.53 -3.30 -5.39
C SER D 14 2.66 -3.82 -6.25
N GLY D 15 2.33 -4.42 -7.39
CA GLY D 15 3.34 -4.97 -8.26
C GLY D 15 3.99 -6.20 -7.65
N LYS D 16 3.29 -6.84 -6.73
CA LYS D 16 3.80 -8.03 -6.05
C LYS D 16 4.09 -9.18 -7.02
N PRO D 17 5.34 -9.65 -7.03
CA PRO D 17 5.76 -10.73 -7.91
C PRO D 17 5.30 -12.07 -7.36
N ALA D 18 5.94 -12.48 -6.27
CA ALA D 18 5.67 -13.73 -5.57
C ALA D 18 5.55 -15.00 -6.46
ZN ZN E . 7.98 15.22 0.93
C1 BME F . 11.76 -15.21 17.26
C2 BME F . 12.18 -15.37 15.79
O1 BME F . 10.36 -15.22 17.63
S2 BME F . 13.98 -15.40 15.50
C1 3BC G . 2.90 4.71 24.29
O2 3BC G . 4.04 4.68 24.79
O3 3BC G . 2.18 5.84 24.08
C4 3BC G . 2.59 7.19 24.46
C5 3BC G . 3.80 7.66 23.61
C6 3BC G . 1.34 8.06 24.21
C7 3BC G . 2.93 7.26 25.96
N8 3BC G . 2.26 3.62 23.87
C9 3BC G . 2.81 2.27 24.00
C10 3BC G . 1.70 1.23 24.14
C11 3BC G . 2.34 -0.19 24.12
C12 3BC G . 1.00 1.45 25.48
C13 3BC G . 0.65 1.40 23.02
C14 3BC G . 3.79 1.95 22.86
O15 3BC G . 3.40 1.86 21.70
N16 3BC G . 5.07 1.79 23.22
C17 3BC G . 5.61 1.87 24.58
C18 3BC G . 6.11 1.47 22.25
C19 3BC G . 7.43 1.57 22.94
C20 3BC G . 7.06 1.54 24.38
C21 3BC G . 7.91 2.70 23.85
C22 3BC G . 9.34 2.69 24.29
C23 3BC G . 7.32 4.08 23.69
C24 3BC G . 5.80 0.19 21.49
O25 3BC G . 5.70 -0.88 22.08
N26 3BC G . 5.63 0.33 20.18
C27 3BC G . 5.32 -0.82 19.33
C28 3BC G . 4.11 -0.53 18.43
C29 3BC G . 2.90 -0.11 19.27
C30 3BC G . 1.85 -1.08 19.83
C31 3BC G . 1.47 -0.11 18.71
O32 3BC G . 7.76 -1.28 19.36
C33 3BC G . 6.60 -1.14 18.46
O34 3BC G . 5.47 -2.75 17.08
N35 3BC G . 6.78 -3.51 18.76
C36 3BC G . 7.00 -4.86 18.27
C37 3BC G . 5.93 -5.82 18.70
O38 3BC G . 4.82 -5.42 19.07
C39 3BC G . 6.22 -2.55 18.03
N40 3BC G . 6.26 -7.10 18.61
C41 3BC G . 5.32 -8.16 18.99
C42 3BC G . 4.19 -8.36 17.96
C43 3BC G . 4.46 -8.42 16.58
C44 3BC G . 2.87 -8.50 18.41
C45 3BC G . 3.42 -8.64 15.68
C46 3BC G . 1.83 -8.71 17.51
C47 3BC G . 2.11 -8.78 16.14
C48 3BC G . 6.08 -9.48 19.21
O49 3BC G . 6.87 -9.90 18.36
N50 3BC G . 5.84 -10.15 20.36
C51 3BC G . 6.38 -11.47 20.53
C52 3BC G . 5.04 -9.62 21.46
ZN ZN H . -6.92 8.16 1.08
#